data_4ISA
#
_entry.id   4ISA
#
_cell.length_a   106.788
_cell.length_b   106.788
_cell.length_c   52.474
_cell.angle_alpha   90.00
_cell.angle_beta   90.00
_cell.angle_gamma   120.00
#
_symmetry.space_group_name_H-M   'P 61'
#
loop_
_entity.id
_entity.type
_entity.pdbx_description
1 polymer 'UDP-3-O-[3-hydroxymyristoyl] N-acetylglucosamine deacetylase'
2 non-polymer 'ZINC ION'
3 non-polymer (2R)-N-hydroxy-3-naphthalen-2-yl-2-[(naphthalen-2-ylsulfonyl)amino]propanamide
4 non-polymer 'FORMIC ACID'
5 non-polymer (4S,5S)-1,2-DITHIANE-4,5-DIOL
6 water water
#
_entity_poly.entity_id   1
_entity_poly.type   'polypeptide(L)'
_entity_poly.pdbx_seq_one_letter_code
;MIKQRTLKRIVQATGVGLHTGKKVTLTLRPAPANTGVIYRRTDLNPPVDFPADAKSVRDTMLCTCLVNEHDVRISTVEHL
NAALAGLGIDNIVIEVNAPEIPIMDGSAAPFVYLLLDAGIDELNCAKKFVRIKETVRVEDGDKWAEFKPYNGFSLDFTID
FNHPAIDSSNQRYAMNFSADAFMRQISRARTFGFMRDIEYLQSRGLCLGGSFDCAIVVDDYRVLNEDGLRFEDEFVRHKM
LDAIGDLFMCGHNIIGAFTAYKSGHALNNKLLQAVLAKQEAWEYVTFQDDAELPLAFKAP
;
_entity_poly.pdbx_strand_id   A
#
# COMPACT_ATOMS: atom_id res chain seq x y z
N MET A 1 -10.03 -12.14 22.74
CA MET A 1 -8.72 -12.13 22.04
C MET A 1 -8.88 -11.55 20.65
N ILE A 2 -7.99 -10.63 20.29
CA ILE A 2 -8.02 -10.01 18.97
C ILE A 2 -7.43 -11.00 17.97
N LYS A 3 -8.22 -11.35 16.96
CA LYS A 3 -7.90 -12.48 16.10
C LYS A 3 -7.35 -12.09 14.74
N GLN A 4 -6.54 -12.96 14.16
CA GLN A 4 -6.09 -12.76 12.79
C GLN A 4 -7.29 -12.83 11.85
N ARG A 5 -7.16 -12.21 10.69
CA ARG A 5 -8.23 -12.13 9.72
C ARG A 5 -7.81 -12.71 8.39
N THR A 6 -8.73 -13.37 7.72
CA THR A 6 -8.56 -13.71 6.32
C THR A 6 -9.89 -13.45 5.62
N LEU A 7 -10.02 -13.90 4.38
CA LEU A 7 -11.24 -13.74 3.61
C LEU A 7 -12.22 -14.87 3.90
N LYS A 8 -13.51 -14.62 3.69
CA LYS A 8 -14.51 -15.67 3.85
C LYS A 8 -14.59 -16.56 2.61
N ARG A 9 -14.39 -15.98 1.44
CA ARG A 9 -14.49 -16.73 0.19
C ARG A 9 -13.56 -16.19 -0.87
N ILE A 10 -13.43 -16.97 -1.93
CA ILE A 10 -12.65 -16.60 -3.09
C ILE A 10 -13.43 -15.62 -3.95
N VAL A 11 -12.73 -14.58 -4.42
CA VAL A 11 -13.35 -13.61 -5.32
C VAL A 11 -12.38 -13.32 -6.48
N GLN A 12 -12.93 -12.85 -7.59
CA GLN A 12 -12.17 -12.62 -8.81
C GLN A 12 -12.61 -11.30 -9.43
N ALA A 13 -11.67 -10.55 -9.99
CA ALA A 13 -11.98 -9.35 -10.74
C ALA A 13 -11.02 -9.26 -11.91
N THR A 14 -11.43 -8.59 -12.98
CA THR A 14 -10.54 -8.38 -14.11
C THR A 14 -10.31 -6.89 -14.30
N GLY A 15 -9.08 -6.52 -14.60
CA GLY A 15 -8.75 -5.12 -14.83
C GLY A 15 -7.72 -5.05 -15.93
N VAL A 16 -7.14 -3.86 -16.11
CA VAL A 16 -6.12 -3.65 -17.13
C VAL A 16 -4.77 -3.60 -16.43
N GLY A 17 -3.77 -4.28 -17.00
CA GLY A 17 -2.42 -4.13 -16.51
C GLY A 17 -1.83 -2.83 -16.99
N LEU A 18 -1.29 -2.04 -16.07
CA LEU A 18 -0.68 -0.77 -16.46
C LEU A 18 0.41 -0.97 -17.49
N HIS A 19 1.27 -1.97 -17.27
CA HIS A 19 2.44 -2.14 -18.12
C HIS A 19 2.07 -2.68 -19.50
N THR A 20 1.35 -3.80 -19.55
CA THR A 20 1.03 -4.43 -20.83
C THR A 20 -0.21 -3.87 -21.53
N GLY A 21 -1.08 -3.21 -20.77
CA GLY A 21 -2.35 -2.75 -21.31
C GLY A 21 -3.33 -3.90 -21.53
N LYS A 22 -2.96 -5.10 -21.11
CA LYS A 22 -3.78 -6.28 -21.35
C LYS A 22 -4.66 -6.56 -20.14
N LYS A 23 -5.73 -7.33 -20.37
CA LYS A 23 -6.64 -7.72 -19.29
C LYS A 23 -5.93 -8.68 -18.32
N VAL A 24 -6.02 -8.37 -17.02
CA VAL A 24 -5.42 -9.19 -15.97
C VAL A 24 -6.53 -9.65 -15.05
N THR A 25 -6.55 -10.95 -14.72
CA THR A 25 -7.54 -11.48 -13.80
C THR A 25 -6.90 -11.67 -12.44
N LEU A 26 -7.51 -11.04 -11.43
CA LEU A 26 -7.04 -11.03 -10.07
C LEU A 26 -7.94 -11.95 -9.25
N THR A 27 -7.34 -12.90 -8.53
CA THR A 27 -8.09 -13.80 -7.66
C THR A 27 -7.61 -13.66 -6.22
N LEU A 28 -8.53 -13.45 -5.28
CA LEU A 28 -8.19 -13.33 -3.87
C LEU A 28 -8.71 -14.56 -3.14
N ARG A 29 -7.85 -15.21 -2.37
CA ARG A 29 -8.18 -16.46 -1.69
C ARG A 29 -7.99 -16.36 -0.18
N PRO A 30 -8.89 -16.99 0.59
CA PRO A 30 -8.65 -17.21 2.01
C PRO A 30 -7.33 -17.96 2.23
N ALA A 31 -6.69 -17.77 3.37
CA ALA A 31 -5.48 -18.50 3.71
C ALA A 31 -5.45 -18.80 5.20
N PRO A 32 -4.66 -19.80 5.61
CA PRO A 32 -4.61 -20.22 7.01
C PRO A 32 -3.89 -19.23 7.92
N ALA A 33 -4.09 -19.38 9.23
CA ALA A 33 -3.44 -18.54 10.21
C ALA A 33 -1.93 -18.54 10.02
N ASN A 34 -1.32 -17.38 10.29
CA ASN A 34 0.12 -17.24 10.31
C ASN A 34 0.83 -17.32 8.95
N THR A 35 0.08 -17.55 7.88
CA THR A 35 0.74 -17.71 6.58
C THR A 35 1.07 -16.36 5.95
N GLY A 36 0.36 -15.31 6.37
CA GLY A 36 0.64 -13.96 5.93
C GLY A 36 0.11 -13.64 4.55
N VAL A 37 0.67 -12.60 3.95
CA VAL A 37 0.23 -12.12 2.65
C VAL A 37 1.14 -12.73 1.59
N ILE A 38 0.55 -13.45 0.63
CA ILE A 38 1.33 -14.05 -0.45
C ILE A 38 0.80 -13.63 -1.80
N TYR A 39 1.68 -13.02 -2.61
CA TYR A 39 1.33 -12.69 -3.96
C TYR A 39 1.79 -13.85 -4.83
N ARG A 40 1.03 -14.16 -5.86
CA ARG A 40 1.33 -15.34 -6.67
C ARG A 40 1.08 -15.07 -8.15
N ARG A 41 2.06 -15.40 -8.99
CA ARG A 41 1.86 -15.33 -10.43
C ARG A 41 1.45 -16.71 -10.96
N THR A 42 0.33 -16.76 -11.67
CA THR A 42 -0.15 -18.01 -12.22
C THR A 42 -0.09 -18.02 -13.75
N ASP A 43 0.53 -16.99 -14.35
CA ASP A 43 0.85 -17.07 -15.78
C ASP A 43 1.97 -18.09 -15.94
N LEU A 44 2.97 -17.97 -15.07
CA LEU A 44 4.11 -18.89 -15.02
C LEU A 44 3.70 -20.31 -14.63
N ASN A 45 4.42 -21.29 -15.18
CA ASN A 45 4.28 -22.70 -14.84
C ASN A 45 5.63 -23.29 -14.45
N PRO A 46 5.77 -23.73 -13.19
CA PRO A 46 4.74 -23.67 -12.17
C PRO A 46 4.50 -22.24 -11.68
N PRO A 47 3.39 -22.01 -10.99
CA PRO A 47 3.15 -20.68 -10.41
C PRO A 47 4.28 -20.31 -9.44
N VAL A 48 4.50 -19.01 -9.26
CA VAL A 48 5.54 -18.51 -8.38
C VAL A 48 4.93 -17.68 -7.25
N ASP A 49 5.29 -17.99 -6.02
CA ASP A 49 4.81 -17.27 -4.85
C ASP A 49 5.84 -16.24 -4.40
N PHE A 50 5.33 -15.07 -4.01
CA PHE A 50 6.14 -14.00 -3.46
C PHE A 50 5.52 -13.57 -2.13
N PRO A 51 6.01 -14.14 -1.02
CA PRO A 51 5.51 -13.69 0.28
C PRO A 51 5.87 -12.23 0.51
N ALA A 52 4.91 -11.44 1.00
CA ALA A 52 5.20 -10.04 1.28
C ALA A 52 6.19 -9.92 2.43
N ASP A 53 7.28 -9.21 2.17
CA ASP A 53 8.38 -9.12 3.11
C ASP A 53 9.14 -7.85 2.77
N ALA A 54 9.50 -7.07 3.78
CA ALA A 54 10.21 -5.82 3.55
C ALA A 54 11.48 -6.04 2.70
N LYS A 55 12.15 -7.17 2.88
CA LYS A 55 13.44 -7.37 2.23
C LYS A 55 13.29 -7.77 0.76
N SER A 56 12.08 -8.13 0.36
CA SER A 56 11.84 -8.65 -0.98
C SER A 56 11.31 -7.57 -1.91
N VAL A 57 11.08 -6.38 -1.37
CA VAL A 57 10.55 -5.28 -2.17
C VAL A 57 11.68 -4.65 -2.99
N ARG A 58 11.35 -4.26 -4.21
CA ARG A 58 12.25 -3.45 -5.03
C ARG A 58 11.44 -2.30 -5.60
N ASP A 59 12.06 -1.13 -5.72
CA ASP A 59 11.39 -0.01 -6.37
C ASP A 59 12.01 0.25 -7.72
N THR A 60 11.15 0.44 -8.72
CA THR A 60 11.62 0.71 -10.08
C THR A 60 11.27 2.15 -10.43
N MET A 61 11.55 2.54 -11.66
CA MET A 61 11.24 3.90 -12.09
C MET A 61 9.73 4.11 -12.13
N LEU A 62 8.96 3.02 -12.21
CA LEU A 62 7.50 3.10 -12.39
C LEU A 62 6.67 2.68 -11.19
N CYS A 63 7.15 1.70 -10.43
CA CYS A 63 6.31 1.10 -9.39
C CYS A 63 7.15 0.33 -8.38
N THR A 64 6.49 -0.37 -7.47
CA THR A 64 7.19 -1.31 -6.59
C THR A 64 6.89 -2.73 -7.02
N CYS A 65 7.77 -3.65 -6.69
CA CYS A 65 7.53 -5.05 -6.97
C CYS A 65 8.05 -5.90 -5.83
N LEU A 66 7.72 -7.18 -5.87
CA LEU A 66 8.36 -8.17 -5.01
C LEU A 66 9.17 -9.07 -5.93
N VAL A 67 10.34 -9.52 -5.49
CA VAL A 67 11.15 -10.41 -6.33
C VAL A 67 11.42 -11.72 -5.60
N ASN A 68 11.67 -12.79 -6.36
CA ASN A 68 12.10 -14.05 -5.74
C ASN A 68 13.61 -14.27 -5.84
N GLU A 69 14.07 -15.46 -5.44
CA GLU A 69 15.50 -15.75 -5.37
C GLU A 69 16.16 -15.58 -6.74
N HIS A 70 15.36 -15.63 -7.79
CA HIS A 70 15.87 -15.62 -9.15
C HIS A 70 15.56 -14.31 -9.86
N ASP A 71 15.09 -13.35 -9.08
CA ASP A 71 14.75 -12.01 -9.55
C ASP A 71 13.60 -11.98 -10.54
N VAL A 72 12.80 -13.03 -10.53
CA VAL A 72 11.49 -12.97 -11.15
C VAL A 72 10.68 -12.00 -10.28
N ARG A 73 9.76 -11.24 -10.89
CA ARG A 73 9.05 -10.19 -10.16
C ARG A 73 7.55 -10.28 -10.33
N ILE A 74 6.84 -9.67 -9.37
CA ILE A 74 5.45 -9.32 -9.56
C ILE A 74 5.34 -7.84 -9.22
N SER A 75 4.69 -7.07 -10.09
CA SER A 75 4.80 -5.62 -10.08
C SER A 75 3.48 -4.92 -9.75
N THR A 76 3.59 -3.65 -9.36
CA THR A 76 2.43 -2.80 -9.06
C THR A 76 1.63 -3.35 -7.88
N VAL A 77 2.32 -3.73 -6.82
CA VAL A 77 1.64 -4.24 -5.62
C VAL A 77 1.27 -3.15 -4.64
N GLU A 78 1.70 -1.92 -4.89
CA GLU A 78 1.62 -0.83 -3.90
C GLU A 78 0.21 -0.45 -3.41
N HIS A 79 -0.78 -0.48 -4.30
CA HIS A 79 -2.10 0.05 -3.93
C HIS A 79 -3.00 -1.04 -3.33
N LEU A 80 -2.94 -2.25 -3.90
CA LEU A 80 -3.58 -3.39 -3.26
C LEU A 80 -3.00 -3.60 -1.86
N ASN A 81 -1.68 -3.46 -1.71
CA ASN A 81 -1.09 -3.68 -0.40
C ASN A 81 -1.62 -2.69 0.64
N ALA A 82 -1.91 -1.46 0.21
CA ALA A 82 -2.47 -0.46 1.10
C ALA A 82 -3.88 -0.84 1.56
N ALA A 83 -4.68 -1.39 0.65
CA ALA A 83 -6.05 -1.83 0.99
C ALA A 83 -6.03 -2.98 2.00
N LEU A 84 -5.10 -3.92 1.84
CA LEU A 84 -4.92 -5.01 2.82
C LEU A 84 -4.66 -4.43 4.20
N ALA A 85 -3.74 -3.45 4.27
CA ALA A 85 -3.41 -2.84 5.54
C ALA A 85 -4.63 -2.16 6.11
N GLY A 86 -5.36 -1.46 5.25
CA GLY A 86 -6.49 -0.66 5.69
C GLY A 86 -7.57 -1.50 6.33
N LEU A 87 -7.81 -2.69 5.79
CA LEU A 87 -8.86 -3.58 6.31
C LEU A 87 -8.29 -4.63 7.27
N GLY A 88 -6.99 -4.57 7.53
CA GLY A 88 -6.35 -5.43 8.51
C GLY A 88 -6.32 -6.91 8.13
N ILE A 89 -6.18 -7.19 6.85
CA ILE A 89 -6.17 -8.56 6.35
C ILE A 89 -4.80 -9.16 6.62
N ASP A 90 -4.74 -10.16 7.50
CA ASP A 90 -3.46 -10.71 7.93
C ASP A 90 -2.97 -11.82 7.00
N ASN A 91 -3.89 -12.66 6.56
CA ASN A 91 -3.53 -13.84 5.77
C ASN A 91 -4.36 -13.90 4.51
N ILE A 92 -3.69 -14.03 3.37
CA ILE A 92 -4.39 -13.98 2.10
C ILE A 92 -3.46 -14.46 0.99
N VAL A 93 -4.03 -15.10 -0.02
CA VAL A 93 -3.27 -15.38 -1.25
C VAL A 93 -3.85 -14.54 -2.38
N ILE A 94 -2.99 -13.80 -3.07
CA ILE A 94 -3.38 -12.88 -4.12
C ILE A 94 -2.79 -13.39 -5.44
N GLU A 95 -3.64 -13.81 -6.37
CA GLU A 95 -3.15 -14.36 -7.65
C GLU A 95 -3.44 -13.43 -8.81
N VAL A 96 -2.49 -13.33 -9.73
CA VAL A 96 -2.74 -12.72 -11.03
C VAL A 96 -2.19 -13.63 -12.12
N ASN A 97 -2.92 -13.72 -13.22
CA ASN A 97 -2.48 -14.49 -14.38
C ASN A 97 -1.61 -13.65 -15.30
N ALA A 98 -0.67 -12.92 -14.69
CA ALA A 98 0.08 -11.89 -15.39
C ALA A 98 1.20 -11.46 -14.47
N PRO A 99 2.09 -10.57 -14.95
CA PRO A 99 3.24 -10.17 -14.14
C PRO A 99 2.97 -9.00 -13.19
N GLU A 100 1.71 -8.54 -13.13
CA GLU A 100 1.38 -7.31 -12.44
C GLU A 100 -0.07 -7.33 -11.92
N ILE A 101 -0.29 -6.61 -10.82
CA ILE A 101 -1.61 -6.35 -10.27
C ILE A 101 -2.32 -5.33 -11.18
N PRO A 102 -3.62 -5.50 -11.45
CA PRO A 102 -4.31 -4.49 -12.28
C PRO A 102 -4.27 -3.10 -11.65
N ILE A 103 -4.19 -2.07 -12.48
CA ILE A 103 -3.99 -0.72 -11.97
C ILE A 103 -5.32 -0.09 -11.47
N MET A 104 -6.44 -0.64 -11.92
CA MET A 104 -7.77 -0.14 -11.54
C MET A 104 -7.87 1.36 -11.88
N ASP A 105 -8.31 2.19 -10.93
CA ASP A 105 -8.46 3.61 -11.21
C ASP A 105 -7.30 4.45 -10.70
N GLY A 106 -6.21 3.78 -10.32
CA GLY A 106 -5.04 4.45 -9.78
C GLY A 106 -5.07 4.65 -8.26
N SER A 107 -6.18 4.26 -7.63
CA SER A 107 -6.30 4.34 -6.18
C SER A 107 -6.43 2.93 -5.58
N ALA A 108 -6.76 2.86 -4.29
CA ALA A 108 -6.92 1.58 -3.62
C ALA A 108 -8.39 1.20 -3.47
N ALA A 109 -9.30 2.14 -3.75
CA ALA A 109 -10.73 1.94 -3.47
C ALA A 109 -11.35 0.74 -4.19
N PRO A 110 -11.01 0.51 -5.45
CA PRO A 110 -11.64 -0.66 -6.08
C PRO A 110 -11.25 -1.97 -5.38
N PHE A 111 -10.07 -2.03 -4.78
CA PHE A 111 -9.66 -3.23 -4.07
C PHE A 111 -10.41 -3.38 -2.77
N VAL A 112 -10.77 -2.26 -2.15
CA VAL A 112 -11.56 -2.33 -0.93
C VAL A 112 -12.91 -2.99 -1.20
N TYR A 113 -13.58 -2.61 -2.29
CA TYR A 113 -14.87 -3.21 -2.60
C TYR A 113 -14.72 -4.70 -2.87
N LEU A 114 -13.62 -5.07 -3.52
CA LEU A 114 -13.38 -6.47 -3.84
C LEU A 114 -13.18 -7.27 -2.55
N LEU A 115 -12.42 -6.72 -1.62
CA LEU A 115 -12.25 -7.34 -0.31
C LEU A 115 -13.56 -7.44 0.47
N LEU A 116 -14.41 -6.44 0.37
CA LEU A 116 -15.71 -6.51 1.03
C LEU A 116 -16.54 -7.66 0.43
N ASP A 117 -16.39 -7.90 -0.86
CA ASP A 117 -17.09 -9.01 -1.50
C ASP A 117 -16.65 -10.34 -0.92
N ALA A 118 -15.36 -10.46 -0.60
CA ALA A 118 -14.79 -11.72 -0.12
C ALA A 118 -15.17 -11.99 1.33
N GLY A 119 -15.53 -10.93 2.05
CA GLY A 119 -15.91 -11.04 3.45
C GLY A 119 -14.70 -11.23 4.34
N ILE A 120 -14.86 -10.99 5.64
CA ILE A 120 -13.79 -11.22 6.58
C ILE A 120 -14.10 -12.42 7.46
N ASP A 121 -13.09 -13.25 7.68
CA ASP A 121 -13.23 -14.43 8.50
C ASP A 121 -12.19 -14.39 9.60
N GLU A 122 -12.63 -14.46 10.86
CA GLU A 122 -11.71 -14.42 11.99
C GLU A 122 -11.19 -15.81 12.31
N LEU A 123 -9.87 -15.93 12.39
CA LEU A 123 -9.22 -17.20 12.69
C LEU A 123 -8.90 -17.31 14.17
N ASN A 124 -8.82 -18.52 14.68
CA ASN A 124 -8.51 -18.71 16.10
C ASN A 124 -7.01 -18.65 16.39
N CYS A 125 -6.42 -17.48 16.17
CA CYS A 125 -5.02 -17.24 16.49
C CYS A 125 -4.87 -15.74 16.71
N ALA A 126 -4.17 -15.34 17.78
CA ALA A 126 -4.01 -13.91 18.07
C ALA A 126 -3.34 -13.21 16.91
N LYS A 127 -3.83 -12.01 16.59
CA LYS A 127 -3.22 -11.13 15.60
C LYS A 127 -2.05 -10.42 16.26
N LYS A 128 -0.88 -10.51 15.65
CA LYS A 128 0.35 -9.93 16.22
C LYS A 128 0.55 -8.53 15.66
N PHE A 129 0.76 -7.57 16.56
CA PHE A 129 1.05 -6.19 16.16
C PHE A 129 2.52 -5.91 16.39
N VAL A 130 3.09 -5.02 15.61
CA VAL A 130 4.44 -4.56 15.87
C VAL A 130 4.39 -3.25 16.65
N ARG A 131 4.85 -3.27 17.90
CA ARG A 131 4.85 -2.09 18.75
C ARG A 131 6.21 -1.38 18.75
N ILE A 132 6.23 -0.13 18.33
CA ILE A 132 7.44 0.69 18.35
C ILE A 132 7.84 1.04 19.80
N LYS A 133 9.08 0.73 20.17
CA LYS A 133 9.55 0.97 21.54
C LYS A 133 10.60 2.07 21.62
N GLU A 134 11.28 2.33 20.51
CA GLU A 134 12.30 3.38 20.46
C GLU A 134 12.14 4.18 19.19
N THR A 135 12.64 5.41 19.19
CA THR A 135 12.56 6.24 17.99
C THR A 135 13.57 5.76 16.96
N VAL A 136 13.09 5.60 15.73
CA VAL A 136 13.97 5.20 14.62
C VAL A 136 13.74 6.14 13.44
N ARG A 137 14.85 6.67 12.92
CA ARG A 137 14.78 7.64 11.83
C ARG A 137 15.71 7.23 10.70
N VAL A 138 15.25 7.40 9.46
CA VAL A 138 16.10 7.17 8.30
C VAL A 138 16.06 8.42 7.43
N GLU A 139 17.15 8.66 6.70
CA GLU A 139 17.27 9.88 5.92
C GLU A 139 17.75 9.63 4.50
N ASP A 140 17.40 10.55 3.62
CA ASP A 140 17.91 10.57 2.26
C ASP A 140 18.08 12.02 1.83
N GLY A 141 19.27 12.58 2.07
CA GLY A 141 19.48 13.99 1.85
C GLY A 141 18.62 14.78 2.83
N ASP A 142 17.77 15.66 2.31
CA ASP A 142 16.90 16.45 3.16
C ASP A 142 15.59 15.71 3.46
N LYS A 143 15.40 14.56 2.81
CA LYS A 143 14.21 13.74 3.04
C LYS A 143 14.41 12.83 4.24
N TRP A 144 13.33 12.55 4.95
CA TRP A 144 13.44 11.68 6.11
C TRP A 144 12.10 11.03 6.46
N ALA A 145 12.19 9.94 7.22
CA ALA A 145 11.02 9.23 7.70
C ALA A 145 11.34 8.68 9.09
N GLU A 146 10.35 8.69 9.98
CA GLU A 146 10.59 8.39 11.38
C GLU A 146 9.44 7.61 12.00
N PHE A 147 9.77 6.66 12.89
CA PHE A 147 8.78 6.06 13.78
C PHE A 147 9.10 6.43 15.23
N LYS A 148 8.07 6.81 15.98
CA LYS A 148 8.23 7.09 17.40
C LYS A 148 7.23 6.25 18.17
N PRO A 149 7.56 5.91 19.43
CA PRO A 149 6.61 5.20 20.29
C PRO A 149 5.34 6.01 20.50
N TYR A 150 4.20 5.35 20.38
CA TYR A 150 2.91 6.00 20.51
C TYR A 150 1.84 4.92 20.58
N ASN A 151 0.97 5.00 21.58
CA ASN A 151 -0.07 3.99 21.76
C ASN A 151 -1.27 4.24 20.84
N GLY A 152 -1.07 3.91 19.56
CA GLY A 152 -2.06 4.15 18.52
C GLY A 152 -1.36 4.00 17.20
N PHE A 153 -1.91 4.57 16.13
CA PHE A 153 -1.19 4.61 14.85
C PHE A 153 -1.56 5.90 14.13
N SER A 154 -0.56 6.78 14.00
CA SER A 154 -0.76 8.06 13.36
C SER A 154 0.24 8.23 12.24
N LEU A 155 -0.17 8.94 11.21
CA LEU A 155 0.72 9.23 10.09
C LEU A 155 0.68 10.71 9.83
N ASP A 156 1.85 11.26 9.52
CA ASP A 156 2.00 12.69 9.28
C ASP A 156 2.98 12.85 8.12
N PHE A 157 2.46 13.22 6.96
CA PHE A 157 3.21 13.12 5.72
C PHE A 157 3.28 14.43 4.92
N THR A 158 4.51 14.85 4.59
CA THR A 158 4.72 16.02 3.71
C THR A 158 5.22 15.58 2.34
N ILE A 159 4.53 16.02 1.28
CA ILE A 159 4.78 15.49 -0.06
C ILE A 159 6.01 16.12 -0.73
N ASP A 160 6.62 15.34 -1.60
CA ASP A 160 7.87 15.71 -2.26
C ASP A 160 7.60 16.42 -3.60
N PHE A 161 6.36 16.35 -4.07
CA PHE A 161 5.94 16.91 -5.35
C PHE A 161 5.70 18.42 -5.30
N ASN A 162 6.14 19.10 -6.36
CA ASN A 162 6.07 20.54 -6.48
C ASN A 162 5.49 20.90 -7.85
N HIS A 163 4.33 21.55 -7.85
CA HIS A 163 3.55 21.76 -9.08
C HIS A 163 2.52 22.87 -8.87
N PRO A 164 2.23 23.64 -9.92
CA PRO A 164 1.18 24.66 -9.77
C PRO A 164 -0.15 24.15 -9.21
N ALA A 165 -0.48 22.88 -9.42
CA ALA A 165 -1.75 22.33 -8.89
C ALA A 165 -1.68 21.95 -7.41
N ILE A 166 -0.54 22.22 -6.77
CA ILE A 166 -0.38 21.92 -5.34
C ILE A 166 0.06 23.16 -4.55
N ASP A 167 -0.89 23.81 -3.88
CA ASP A 167 -0.60 24.91 -2.97
C ASP A 167 0.16 24.45 -1.73
N SER A 168 0.88 25.37 -1.11
CA SER A 168 1.59 25.08 0.14
C SER A 168 0.66 24.54 1.23
N SER A 169 -0.61 24.95 1.19
CA SER A 169 -1.57 24.51 2.21
C SER A 169 -2.02 23.06 1.97
N ASN A 170 -1.64 22.51 0.82
CA ASN A 170 -2.07 21.16 0.46
C ASN A 170 -0.90 20.18 0.34
N GLN A 171 0.24 20.53 0.92
CA GLN A 171 1.43 19.69 0.78
C GLN A 171 1.65 18.72 1.93
N ARG A 172 0.85 18.85 2.98
CA ARG A 172 0.97 17.98 4.13
C ARG A 172 -0.38 17.44 4.58
N TYR A 173 -0.39 16.19 5.05
CA TYR A 173 -1.61 15.56 5.54
C TYR A 173 -1.25 14.69 6.74
N ALA A 174 -2.09 14.72 7.77
CA ALA A 174 -1.85 13.96 8.99
C ALA A 174 -3.14 13.29 9.41
N MET A 175 -3.08 12.05 9.85
CA MET A 175 -4.28 11.33 10.22
C MET A 175 -4.04 10.34 11.35
N ASN A 176 -5.09 10.11 12.13
CA ASN A 176 -5.12 8.98 13.04
C ASN A 176 -5.68 7.81 12.26
N PHE A 177 -4.93 6.72 12.18
CA PHE A 177 -5.32 5.61 11.35
C PHE A 177 -6.49 4.82 11.94
N SER A 178 -7.37 4.37 11.05
CA SER A 178 -8.39 3.37 11.37
C SER A 178 -8.92 2.84 10.04
N ALA A 179 -9.57 1.67 10.06
CA ALA A 179 -10.17 1.13 8.85
C ALA A 179 -11.13 2.14 8.21
N ASP A 180 -12.02 2.72 9.01
CA ASP A 180 -13.01 3.66 8.47
C ASP A 180 -12.37 4.92 7.90
N ALA A 181 -11.37 5.45 8.60
CA ALA A 181 -10.66 6.63 8.13
C ALA A 181 -9.88 6.32 6.86
N PHE A 182 -9.25 5.15 6.79
CA PHE A 182 -8.57 4.76 5.56
C PHE A 182 -9.56 4.73 4.39
N MET A 183 -10.70 4.10 4.59
CA MET A 183 -11.69 3.96 3.53
C MET A 183 -12.22 5.33 3.09
N ARG A 184 -12.58 6.16 4.05
CA ARG A 184 -13.20 7.45 3.77
C ARG A 184 -12.23 8.49 3.24
N GLN A 185 -11.07 8.61 3.89
CA GLN A 185 -10.15 9.71 3.61
C GLN A 185 -9.05 9.40 2.59
N ILE A 186 -8.62 8.15 2.50
CA ILE A 186 -7.39 7.81 1.77
C ILE A 186 -7.61 6.92 0.55
N SER A 187 -8.48 5.92 0.68
CA SER A 187 -8.57 4.85 -0.31
C SER A 187 -8.81 5.35 -1.75
N ARG A 188 -9.58 6.43 -1.91
CA ARG A 188 -9.95 6.89 -3.24
C ARG A 188 -8.93 7.85 -3.87
N ALA A 189 -7.84 8.15 -3.16
CA ALA A 189 -6.84 9.10 -3.67
C ALA A 189 -5.96 8.44 -4.72
N ARG A 190 -5.93 9.02 -5.92
CA ARG A 190 -5.25 8.42 -7.07
C ARG A 190 -3.78 8.80 -7.19
N THR A 191 -3.01 7.92 -7.85
CA THR A 191 -1.66 8.26 -8.24
C THR A 191 -1.69 9.34 -9.32
N PHE A 192 -0.52 9.84 -9.68
CA PHE A 192 -0.45 11.01 -10.55
C PHE A 192 0.86 11.08 -11.31
N GLY A 193 0.83 11.75 -12.46
CA GLY A 193 2.04 11.98 -13.21
C GLY A 193 1.83 12.93 -14.37
N PHE A 194 2.90 13.16 -15.13
CA PHE A 194 2.88 14.13 -16.23
C PHE A 194 2.46 13.48 -17.54
N MET A 195 1.61 14.19 -18.28
CA MET A 195 1.19 13.73 -19.59
C MET A 195 2.39 13.46 -20.50
N ARG A 196 3.37 14.35 -20.50
CA ARG A 196 4.54 14.18 -21.38
C ARG A 196 5.31 12.91 -21.02
N ASP A 197 5.36 12.59 -19.73
CA ASP A 197 6.01 11.37 -19.26
C ASP A 197 5.24 10.12 -19.73
N ILE A 198 3.93 10.12 -19.57
CA ILE A 198 3.12 8.98 -20.02
C ILE A 198 3.26 8.80 -21.55
N GLU A 199 3.12 9.89 -22.30
CA GLU A 199 3.27 9.80 -23.75
C GLU A 199 4.63 9.24 -24.11
N TYR A 200 5.66 9.71 -23.40
CA TYR A 200 7.02 9.28 -23.72
C TYR A 200 7.19 7.78 -23.44
N LEU A 201 6.77 7.35 -22.26
CA LEU A 201 6.83 5.92 -21.92
C LEU A 201 6.06 5.08 -22.93
N GLN A 202 4.89 5.54 -23.35
CA GLN A 202 4.10 4.77 -24.30
C GLN A 202 4.78 4.73 -25.68
N SER A 203 5.51 5.78 -26.02
CA SER A 203 6.29 5.79 -27.26
C SER A 203 7.43 4.76 -27.23
N ARG A 204 7.78 4.29 -26.04
CA ARG A 204 8.82 3.27 -25.87
C ARG A 204 8.20 1.91 -25.59
N GLY A 205 6.88 1.81 -25.74
CA GLY A 205 6.17 0.55 -25.52
C GLY A 205 5.89 0.21 -24.05
N LEU A 206 5.97 1.20 -23.17
CA LEU A 206 5.77 0.97 -21.74
C LEU A 206 4.49 1.64 -21.28
N CYS A 207 4.00 1.26 -20.11
CA CYS A 207 2.82 1.87 -19.53
C CYS A 207 1.64 1.92 -20.49
N LEU A 208 1.44 0.85 -21.24
CA LEU A 208 0.42 0.84 -22.29
C LEU A 208 -1.00 0.92 -21.71
N GLY A 209 -1.16 0.54 -20.44
CA GLY A 209 -2.46 0.64 -19.80
C GLY A 209 -2.73 2.01 -19.18
N GLY A 210 -1.73 2.89 -19.24
CA GLY A 210 -1.84 4.21 -18.63
C GLY A 210 -2.85 5.11 -19.32
N SER A 211 -3.68 5.79 -18.54
CA SER A 211 -4.68 6.70 -19.11
C SER A 211 -5.26 7.61 -18.05
N PHE A 212 -6.16 8.50 -18.45
CA PHE A 212 -6.83 9.36 -17.48
C PHE A 212 -7.63 8.49 -16.51
N ASP A 213 -8.00 7.30 -16.95
CA ASP A 213 -8.84 6.44 -16.13
C ASP A 213 -8.10 5.81 -14.97
N CYS A 214 -6.77 5.90 -14.96
CA CYS A 214 -6.02 5.31 -13.83
C CYS A 214 -4.97 6.25 -13.23
N ALA A 215 -5.12 7.55 -13.45
CA ALA A 215 -4.22 8.51 -12.82
C ALA A 215 -4.76 9.94 -12.92
N ILE A 216 -4.38 10.77 -11.96
CA ILE A 216 -4.43 12.21 -12.16
C ILE A 216 -3.32 12.52 -13.14
N VAL A 217 -3.66 13.09 -14.28
CA VAL A 217 -2.66 13.45 -15.28
C VAL A 217 -2.58 14.96 -15.31
N VAL A 218 -1.39 15.49 -15.05
CA VAL A 218 -1.15 16.93 -15.11
C VAL A 218 -0.25 17.24 -16.30
N ASP A 219 -0.30 18.46 -16.81
CA ASP A 219 0.80 18.94 -17.64
C ASP A 219 1.66 19.84 -16.75
N ASP A 220 2.40 20.77 -17.33
CA ASP A 220 3.27 21.59 -16.51
C ASP A 220 2.48 22.54 -15.64
N TYR A 221 1.18 22.68 -15.92
CA TYR A 221 0.42 23.80 -15.36
C TYR A 221 -0.83 23.42 -14.57
N ARG A 222 -1.48 22.33 -14.96
CA ARG A 222 -2.80 22.03 -14.43
C ARG A 222 -3.15 20.56 -14.52
N VAL A 223 -4.18 20.19 -13.77
CA VAL A 223 -4.79 18.87 -13.85
C VAL A 223 -5.61 18.78 -15.13
N LEU A 224 -5.39 17.74 -15.91
CA LEU A 224 -6.05 17.63 -17.22
C LEU A 224 -7.33 16.81 -17.19
N ASN A 225 -7.47 15.90 -16.22
CA ASN A 225 -8.69 15.11 -16.12
C ASN A 225 -9.91 16.02 -16.10
N GLU A 226 -10.92 15.74 -16.91
CA GLU A 226 -12.03 16.67 -17.04
C GLU A 226 -12.78 16.89 -15.72
N ASP A 227 -12.85 15.87 -14.86
CA ASP A 227 -13.58 16.02 -13.59
C ASP A 227 -12.72 16.61 -12.47
N GLY A 228 -11.43 16.74 -12.72
CA GLY A 228 -10.54 17.35 -11.75
C GLY A 228 -10.18 16.41 -10.61
N LEU A 229 -9.92 16.98 -9.44
CA LEU A 229 -9.48 16.19 -8.29
C LEU A 229 -10.64 15.72 -7.39
N ARG A 230 -10.46 14.57 -6.76
CA ARG A 230 -11.43 14.03 -5.82
C ARG A 230 -11.28 14.71 -4.45
N PHE A 231 -10.10 15.24 -4.18
CA PHE A 231 -9.83 16.00 -2.97
C PHE A 231 -8.93 17.16 -3.35
N GLU A 232 -9.03 18.28 -2.65
CA GLU A 232 -8.20 19.41 -3.02
C GLU A 232 -6.73 19.09 -2.77
N ASP A 233 -6.48 18.17 -1.84
CA ASP A 233 -5.14 17.67 -1.55
C ASP A 233 -4.96 16.19 -1.94
N GLU A 234 -5.48 15.79 -3.10
CA GLU A 234 -5.48 14.39 -3.50
C GLU A 234 -4.05 13.82 -3.60
N PHE A 235 -3.11 14.65 -4.07
CA PHE A 235 -1.73 14.20 -4.25
C PHE A 235 -1.10 13.68 -2.94
N VAL A 236 -1.19 14.45 -1.87
CA VAL A 236 -0.58 14.04 -0.61
C VAL A 236 -1.37 12.89 0.04
N ARG A 237 -2.69 12.88 -0.12
CA ARG A 237 -3.46 11.72 0.34
C ARG A 237 -2.98 10.44 -0.35
N HIS A 238 -2.65 10.53 -1.64
CA HIS A 238 -2.20 9.35 -2.32
C HIS A 238 -0.83 8.92 -1.78
N LYS A 239 0.03 9.88 -1.47
CA LYS A 239 1.31 9.50 -0.89
C LYS A 239 1.15 8.85 0.49
N MET A 240 0.11 9.19 1.23
CA MET A 240 -0.14 8.51 2.51
C MET A 240 -0.69 7.10 2.25
N LEU A 241 -1.58 6.97 1.27
CA LEU A 241 -2.00 5.64 0.78
C LEU A 241 -0.76 4.78 0.53
N ASP A 242 0.17 5.29 -0.27
CA ASP A 242 1.40 4.54 -0.59
C ASP A 242 2.16 4.13 0.66
N ALA A 243 2.33 5.07 1.59
CA ALA A 243 3.08 4.81 2.83
C ALA A 243 2.43 3.68 3.65
N ILE A 244 1.10 3.69 3.72
CA ILE A 244 0.38 2.65 4.44
C ILE A 244 0.67 1.28 3.82
N GLY A 245 0.67 1.21 2.50
CA GLY A 245 1.06 -0.02 1.82
C GLY A 245 2.51 -0.38 2.04
N ASP A 246 3.42 0.60 2.03
CA ASP A 246 4.84 0.31 2.23
C ASP A 246 5.07 -0.34 3.58
N LEU A 247 4.46 0.26 4.60
CA LEU A 247 4.71 -0.19 5.96
C LEU A 247 4.13 -1.57 6.21
N PHE A 248 3.07 -1.93 5.48
CA PHE A 248 2.40 -3.21 5.71
C PHE A 248 3.13 -4.37 5.06
N MET A 249 4.22 -4.09 4.35
CA MET A 249 5.03 -5.14 3.76
C MET A 249 5.64 -6.05 4.83
N CYS A 250 5.66 -5.58 6.08
CA CYS A 250 6.14 -6.45 7.15
C CYS A 250 5.07 -7.46 7.54
N GLY A 251 3.85 -7.24 7.06
CA GLY A 251 2.75 -8.16 7.30
C GLY A 251 2.05 -7.96 8.64
N HIS A 252 2.41 -6.91 9.36
CA HIS A 252 1.77 -6.60 10.63
C HIS A 252 1.37 -5.14 10.70
N ASN A 253 0.27 -4.86 11.37
CA ASN A 253 -0.07 -3.49 11.68
C ASN A 253 0.87 -3.02 12.78
N ILE A 254 1.23 -1.75 12.72
CA ILE A 254 2.26 -1.18 13.56
C ILE A 254 1.65 -0.20 14.56
N ILE A 255 2.01 -0.35 15.82
CA ILE A 255 1.59 0.59 16.86
C ILE A 255 2.70 1.59 17.11
N GLY A 256 2.56 2.77 16.52
CA GLY A 256 3.51 3.85 16.72
C GLY A 256 3.12 5.08 15.93
N ALA A 257 3.97 6.11 15.97
CA ALA A 257 3.70 7.36 15.26
C ALA A 257 4.66 7.52 14.09
N PHE A 258 4.11 7.58 12.88
CA PHE A 258 4.89 7.70 11.67
C PHE A 258 4.89 9.14 11.20
N THR A 259 6.08 9.69 10.97
CA THR A 259 6.22 11.03 10.41
C THR A 259 7.24 11.00 9.28
N ALA A 260 6.91 11.69 8.18
CA ALA A 260 7.76 11.68 7.00
C ALA A 260 7.76 13.05 6.32
N TYR A 261 8.94 13.43 5.82
CA TYR A 261 9.09 14.64 5.04
C TYR A 261 9.71 14.31 3.69
N LYS A 262 8.92 14.46 2.62
CA LYS A 262 9.34 14.18 1.25
C LYS A 262 9.80 12.74 1.08
N SER A 263 9.16 11.83 1.80
CA SER A 263 9.46 10.41 1.71
C SER A 263 8.77 9.83 0.49
N GLY A 264 8.97 8.54 0.29
CA GLY A 264 8.43 7.83 -0.85
C GLY A 264 8.64 6.34 -0.64
N HIS A 265 8.37 5.54 -1.67
CA HIS A 265 8.42 4.08 -1.51
C HIS A 265 9.77 3.58 -0.98
N ALA A 266 10.86 4.08 -1.55
CA ALA A 266 12.20 3.61 -1.18
C ALA A 266 12.55 3.96 0.27
N LEU A 267 12.29 5.20 0.67
CA LEU A 267 12.66 5.66 2.00
C LEU A 267 11.75 5.06 3.06
N ASN A 268 10.47 4.85 2.74
CA ASN A 268 9.54 4.22 3.67
C ASN A 268 9.96 2.78 3.95
N ASN A 269 10.43 2.08 2.92
CA ASN A 269 10.91 0.72 3.08
C ASN A 269 12.20 0.69 3.89
N LYS A 270 13.05 1.69 3.65
CA LYS A 270 14.31 1.79 4.38
C LYS A 270 14.02 1.94 5.87
N LEU A 271 13.00 2.73 6.21
CA LEU A 271 12.62 2.92 7.61
C LEU A 271 12.13 1.59 8.21
N LEU A 272 11.24 0.92 7.49
CA LEU A 272 10.72 -0.35 7.93
C LEU A 272 11.85 -1.37 8.19
N GLN A 273 12.78 -1.51 7.25
CA GLN A 273 13.90 -2.41 7.48
C GLN A 273 14.75 -1.98 8.67
N ALA A 274 14.95 -0.68 8.83
CA ALA A 274 15.79 -0.16 9.91
C ALA A 274 15.18 -0.52 11.25
N VAL A 275 13.87 -0.35 11.37
CA VAL A 275 13.17 -0.72 12.59
C VAL A 275 13.34 -2.21 12.88
N LEU A 276 12.96 -3.05 11.91
CA LEU A 276 12.95 -4.49 12.13
C LEU A 276 14.35 -5.04 12.44
N ALA A 277 15.38 -4.37 11.94
CA ALA A 277 16.77 -4.80 12.15
C ALA A 277 17.27 -4.47 13.56
N LYS A 278 16.70 -3.46 14.19
CA LYS A 278 17.09 -3.08 15.54
C LYS A 278 16.19 -3.75 16.58
N GLN A 279 16.66 -4.88 17.09
CA GLN A 279 15.89 -5.71 18.02
C GLN A 279 15.17 -4.94 19.12
N GLU A 280 15.82 -3.92 19.67
CA GLU A 280 15.30 -3.26 20.85
C GLU A 280 14.27 -2.18 20.53
N ALA A 281 14.14 -1.86 19.25
CA ALA A 281 13.26 -0.79 18.81
C ALA A 281 11.79 -1.21 18.73
N TRP A 282 11.53 -2.52 18.80
CA TRP A 282 10.17 -3.01 18.60
C TRP A 282 9.95 -4.34 19.29
N GLU A 283 8.68 -4.70 19.45
CA GLU A 283 8.32 -6.00 20.00
C GLU A 283 6.95 -6.39 19.44
N TYR A 284 6.72 -7.70 19.33
CA TYR A 284 5.39 -8.20 18.97
C TYR A 284 4.49 -8.10 20.19
N VAL A 285 3.27 -7.61 20.00
CA VAL A 285 2.29 -7.65 21.07
C VAL A 285 0.99 -8.22 20.55
N THR A 286 0.28 -8.94 21.42
CA THR A 286 -1.06 -9.39 21.09
C THR A 286 -2.01 -8.89 22.16
N PHE A 287 -3.31 -9.02 21.91
CA PHE A 287 -4.31 -8.49 22.81
C PHE A 287 -5.32 -9.58 23.13
N GLN A 288 -5.27 -10.08 24.36
CA GLN A 288 -6.15 -11.15 24.77
C GLN A 288 -7.53 -10.60 25.11
N ASP A 289 -7.58 -9.35 25.55
CA ASP A 289 -8.85 -8.69 25.77
C ASP A 289 -8.99 -7.46 24.87
N ASP A 290 -10.12 -7.42 24.16
CA ASP A 290 -10.37 -6.41 23.14
C ASP A 290 -10.30 -4.98 23.67
N ALA A 291 -10.38 -4.83 24.98
CA ALA A 291 -10.42 -3.51 25.59
C ALA A 291 -9.12 -2.74 25.32
N GLU A 292 -7.99 -3.40 25.52
CA GLU A 292 -6.71 -2.71 25.48
C GLU A 292 -6.16 -2.47 24.07
N LEU A 293 -6.93 -2.89 23.06
CA LEU A 293 -6.57 -2.65 21.67
C LEU A 293 -6.67 -1.16 21.34
N PRO A 294 -5.57 -0.55 20.85
CA PRO A 294 -5.66 0.86 20.48
C PRO A 294 -6.85 1.09 19.56
N LEU A 295 -7.51 2.25 19.66
CA LEU A 295 -8.69 2.53 18.86
C LEU A 295 -8.35 2.42 17.37
N ALA A 296 -7.09 2.64 17.03
CA ALA A 296 -6.65 2.64 15.65
C ALA A 296 -6.99 1.35 14.93
N PHE A 297 -6.91 0.23 15.64
CA PHE A 297 -7.07 -1.07 14.99
C PHE A 297 -8.34 -1.81 15.40
N LYS A 298 -9.44 -1.07 15.53
CA LYS A 298 -10.74 -1.68 15.81
C LYS A 298 -11.36 -2.25 14.53
N ALA A 299 -12.39 -3.09 14.69
CA ALA A 299 -13.05 -3.72 13.56
C ALA A 299 -13.67 -2.70 12.62
N PRO A 300 -13.58 -2.94 11.29
CA PRO A 300 -14.18 -2.01 10.32
C PRO A 300 -15.70 -1.92 10.47
#